data_4CMF
#
_entry.id   4CMF
#
_cell.length_a   61.730
_cell.length_b   100.340
_cell.length_c   130.250
_cell.angle_alpha   90.00
_cell.angle_beta   90.00
_cell.angle_gamma   90.00
#
_symmetry.space_group_name_H-M   'I 2 2 2'
#
loop_
_entity.id
_entity.type
_entity.pdbx_description
1 polymer AMINOTRANSFERASE
2 non-polymer '3-[O-PHOSPHONOPYRIDOXYL]--AMINO-BENZOIC ACID'
3 non-polymer 2-AMINO-2-HYDROXYMETHYL-PROPANE-1,3-DIOL
4 non-polymer 'SULFATE ION'
5 water water
#
_entity_poly.entity_id   1
_entity_poly.type   'polypeptide(L)'
_entity_poly.pdbx_seq_one_letter_code
;MATMDKVFAGYAERQAVLEASKNPLAKGVAWIQGELVPLHEARIPLLDQGFMHSDLTYDVPSVWDGRFFRLEDHLNRLEA
SCKKMRLRMPLPREEVIKTLVDMVAKSGIRDAFVELIVTRGLTGVRGAKPEELLNNNLYMFIQPYVWVMDPDVQYTGGRA
IVARTVRRVPPGSIDPTIKNLQWGDLVRGLFEANDRGATYPFLTDGDANLTEGSGFNVVLIKDGVLYTPDRGVLQGITRK
SVIDAARSCGYEIRVEHVPIEATYQADEILMCTTAGGIMPITTLDDKPVKDGKVGPITKAIWDRYWAMHWEDEFSFKINY
LE
;
_entity_poly.pdbx_strand_id   A
#
loop_
_chem_comp.id
_chem_comp.type
_chem_comp.name
_chem_comp.formula
PXG non-polymer '3-[O-PHOSPHONOPYRIDOXYL]--AMINO-BENZOIC ACID' 'C15 H17 N2 O7 P'
SO4 non-polymer 'SULFATE ION' 'O4 S -2'
TRS non-polymer 2-AMINO-2-HYDROXYMETHYL-PROPANE-1,3-DIOL 'C4 H12 N O3 1'
#
# COMPACT_ATOMS: atom_id res chain seq x y z
N MET A 1 -8.07 -19.81 -2.70
N MET A 1 -10.48 -19.35 0.99
CA MET A 1 -9.46 -20.00 -2.17
CA MET A 1 -9.27 -18.82 0.31
C MET A 1 -10.41 -18.98 -2.80
C MET A 1 -9.61 -18.25 -1.07
N ALA A 2 -10.63 -17.89 -2.07
N ALA A 2 -10.75 -17.59 -1.19
CA ALA A 2 -11.20 -16.69 -2.65
CA ALA A 2 -11.17 -17.06 -2.48
C ALA A 2 -12.72 -16.70 -2.91
C ALA A 2 -12.37 -16.11 -2.42
N THR A 3 -13.46 -16.57 -1.82
CA THR A 3 -14.73 -15.84 -1.81
C THR A 3 -14.56 -14.85 -0.65
N MET A 4 -15.28 -13.73 -0.69
CA MET A 4 -15.25 -12.82 0.44
C MET A 4 -15.51 -13.47 1.77
N ASP A 5 -16.57 -14.29 1.86
CA ASP A 5 -16.91 -14.90 3.14
C ASP A 5 -15.76 -15.77 3.67
N LYS A 6 -15.14 -16.55 2.80
CA LYS A 6 -14.07 -17.47 3.21
CA LYS A 6 -14.09 -17.46 3.27
C LYS A 6 -12.79 -16.73 3.65
N VAL A 7 -12.39 -15.77 2.84
CA VAL A 7 -11.18 -14.99 3.12
C VAL A 7 -11.33 -14.21 4.44
N PHE A 8 -12.46 -13.55 4.62
CA PHE A 8 -12.69 -12.79 5.84
C PHE A 8 -12.90 -13.66 7.08
N ALA A 9 -13.55 -14.81 6.88
CA ALA A 9 -13.73 -15.73 8.01
C ALA A 9 -12.40 -16.23 8.57
N GLY A 10 -11.45 -16.57 7.69
CA GLY A 10 -10.12 -16.97 8.14
C GLY A 10 -9.40 -15.85 8.89
N TYR A 11 -9.45 -14.64 8.35
CA TYR A 11 -8.90 -13.47 9.02
C TYR A 11 -9.52 -13.27 10.41
N ALA A 12 -10.84 -13.34 10.52
CA ALA A 12 -11.48 -13.17 11.82
C ALA A 12 -11.00 -14.18 12.86
N GLU A 13 -10.80 -15.44 12.43
CA GLU A 13 -10.30 -16.48 13.35
C GLU A 13 -8.90 -16.17 13.84
N ARG A 14 -8.04 -15.79 12.89
CA ARG A 14 -6.66 -15.44 13.25
C ARG A 14 -6.60 -14.17 14.11
N GLN A 15 -7.49 -13.21 13.82
CA GLN A 15 -7.56 -11.98 14.61
C GLN A 15 -7.98 -12.27 16.04
N ALA A 16 -8.91 -13.20 16.21
CA ALA A 16 -9.38 -13.58 17.54
C ALA A 16 -8.21 -14.10 18.39
N VAL A 17 -7.35 -14.92 17.79
CA VAL A 17 -6.16 -15.40 18.46
C VAL A 17 -5.21 -14.23 18.83
N LEU A 18 -4.94 -13.38 17.85
CA LEU A 18 -4.01 -12.27 18.08
C LEU A 18 -4.51 -11.31 19.16
N GLU A 19 -5.82 -11.02 19.14
CA GLU A 19 -6.38 -10.07 20.11
CA GLU A 19 -6.43 -10.10 20.11
C GLU A 19 -6.25 -10.59 21.55
N ALA A 20 -6.19 -11.92 21.71
CA ALA A 20 -6.02 -12.53 23.03
C ALA A 20 -4.57 -12.70 23.47
N SER A 21 -3.63 -12.33 22.60
CA SER A 21 -2.23 -12.58 22.89
C SER A 21 -1.66 -11.73 24.02
N LYS A 22 -0.81 -12.34 24.85
CA LYS A 22 -0.09 -11.67 25.94
CA LYS A 22 -0.11 -11.61 25.91
C LYS A 22 1.33 -11.33 25.49
N ASN A 23 1.67 -11.62 24.25
CA ASN A 23 2.98 -11.31 23.69
C ASN A 23 3.14 -9.78 23.58
N PRO A 24 4.19 -9.18 24.21
CA PRO A 24 4.33 -7.71 24.12
C PRO A 24 4.58 -7.19 22.68
N LEU A 25 4.84 -8.10 21.74
CA LEU A 25 5.05 -7.73 20.32
C LEU A 25 3.81 -7.95 19.45
N ALA A 26 2.72 -8.42 20.06
CA ALA A 26 1.51 -8.66 19.28
C ALA A 26 0.91 -7.42 18.64
N LYS A 27 1.19 -6.23 19.20
CA LYS A 27 0.71 -4.97 18.59
C LYS A 27 1.72 -4.41 17.58
N GLY A 28 2.82 -5.13 17.37
CA GLY A 28 3.80 -4.74 16.35
C GLY A 28 5.19 -4.65 16.94
N VAL A 29 6.20 -4.66 16.09
CA VAL A 29 7.59 -4.61 16.55
C VAL A 29 8.38 -3.77 15.54
N ALA A 30 9.31 -2.96 16.04
CA ALA A 30 10.18 -2.16 15.16
C ALA A 30 11.60 -2.59 15.28
N TRP A 31 12.37 -2.41 14.19
CA TRP A 31 13.79 -2.61 14.19
C TRP A 31 14.40 -1.22 14.09
N ILE A 32 15.19 -0.86 15.10
CA ILE A 32 15.83 0.46 15.16
C ILE A 32 17.30 0.22 15.49
N GLN A 33 18.19 0.53 14.54
CA GLN A 33 19.64 0.38 14.76
CA GLN A 33 19.64 0.37 14.72
C GLN A 33 19.97 -0.99 15.33
N GLY A 34 19.44 -2.05 14.73
CA GLY A 34 19.79 -3.43 15.11
C GLY A 34 19.08 -4.03 16.30
N GLU A 35 18.15 -3.28 16.91
CA GLU A 35 17.43 -3.74 18.09
CA GLU A 35 17.43 -3.74 18.09
C GLU A 35 15.93 -3.81 17.81
N LEU A 36 15.26 -4.83 18.35
CA LEU A 36 13.82 -4.95 18.21
C LEU A 36 13.16 -4.31 19.42
N VAL A 37 12.13 -3.53 19.17
CA VAL A 37 11.41 -2.74 20.19
CA VAL A 37 11.38 -2.87 20.25
C VAL A 37 9.90 -2.89 19.97
N PRO A 38 9.07 -2.98 21.04
CA PRO A 38 7.63 -2.94 20.76
C PRO A 38 7.26 -1.68 19.97
N LEU A 39 6.36 -1.82 19.01
CA LEU A 39 6.11 -0.70 18.06
C LEU A 39 5.74 0.61 18.74
N HIS A 40 4.85 0.55 19.75
CA HIS A 40 4.43 1.78 20.42
C HIS A 40 5.50 2.43 21.32
N GLU A 41 6.60 1.72 21.55
CA GLU A 41 7.71 2.27 22.30
C GLU A 41 8.85 2.76 21.40
N ALA A 42 8.74 2.49 20.10
CA ALA A 42 9.86 2.77 19.19
C ALA A 42 10.09 4.27 18.99
N ARG A 43 11.36 4.65 18.94
CA ARG A 43 11.71 6.04 18.77
CA ARG A 43 11.76 6.05 18.81
C ARG A 43 12.85 6.18 17.75
N ILE A 44 12.88 7.31 17.05
CA ILE A 44 13.93 7.57 16.06
C ILE A 44 14.62 8.88 16.39
N PRO A 45 15.84 9.09 15.89
CA PRO A 45 16.51 10.35 16.19
C PRO A 45 15.77 11.55 15.58
N LEU A 46 15.61 12.61 16.38
CA LEU A 46 15.01 13.85 15.91
CA LEU A 46 14.96 13.83 15.88
C LEU A 46 15.70 14.38 14.65
N LEU A 47 17.03 14.30 14.63
CA LEU A 47 17.83 14.81 13.52
C LEU A 47 17.84 13.91 12.30
N ASP A 48 17.16 12.76 12.34
CA ASP A 48 17.10 11.97 11.10
C ASP A 48 16.43 12.80 9.99
N GLN A 49 17.06 12.85 8.82
CA GLN A 49 16.49 13.63 7.70
C GLN A 49 15.18 13.05 7.16
N GLY A 50 14.85 11.79 7.46
CA GLY A 50 13.52 11.26 7.17
C GLY A 50 12.45 12.05 7.91
N PHE A 51 12.79 12.57 9.09
CA PHE A 51 11.89 13.50 9.80
C PHE A 51 12.15 14.96 9.41
N MET A 52 13.41 15.39 9.43
CA MET A 52 13.72 16.81 9.22
CA MET A 52 13.69 16.81 9.22
C MET A 52 13.30 17.35 7.83
N HIS A 53 13.33 16.48 6.80
CA HIS A 53 12.95 16.89 5.42
C HIS A 53 12.24 15.81 4.64
N SER A 54 11.58 14.88 5.36
CA SER A 54 10.94 13.70 4.75
C SER A 54 11.79 13.13 3.62
N ASP A 55 13.10 13.05 3.87
CA ASP A 55 14.06 12.71 2.80
C ASP A 55 14.27 11.23 2.83
N LEU A 56 13.33 10.52 2.21
CA LEU A 56 13.21 9.07 2.37
C LEU A 56 12.35 8.49 1.27
N THR A 57 12.48 7.18 1.10
CA THR A 57 11.48 6.39 0.40
C THR A 57 11.10 5.22 1.33
N TYR A 58 10.04 4.50 0.99
CA TYR A 58 9.61 3.40 1.86
C TYR A 58 8.92 2.38 1.00
N ASP A 59 8.59 1.25 1.59
CA ASP A 59 7.70 0.32 0.92
C ASP A 59 6.98 -0.50 1.96
N VAL A 60 5.82 -1.05 1.57
CA VAL A 60 4.98 -1.82 2.50
C VAL A 60 4.50 -3.12 1.85
N PRO A 61 5.30 -4.18 1.97
CA PRO A 61 4.78 -5.52 1.67
C PRO A 61 3.87 -5.96 2.84
N SER A 62 3.34 -7.17 2.73
CA SER A 62 2.36 -7.65 3.70
C SER A 62 2.51 -9.16 3.87
N VAL A 63 1.96 -9.64 4.99
CA VAL A 63 1.85 -11.07 5.29
C VAL A 63 0.35 -11.36 5.42
N TRP A 64 -0.09 -12.45 4.80
CA TRP A 64 -1.51 -12.83 4.84
C TRP A 64 -1.56 -14.30 5.18
N ASP A 65 -2.29 -14.66 6.23
CA ASP A 65 -2.33 -16.08 6.68
C ASP A 65 -0.93 -16.69 6.84
N GLY A 66 0.00 -15.90 7.38
CA GLY A 66 1.36 -16.35 7.61
C GLY A 66 2.24 -16.49 6.38
N ARG A 67 1.80 -15.91 5.27
CA ARG A 67 2.51 -15.98 3.96
C ARG A 67 2.86 -14.57 3.49
N PHE A 68 4.16 -14.32 3.31
CA PHE A 68 4.58 -13.04 2.69
C PHE A 68 4.04 -12.99 1.26
N PHE A 69 3.40 -11.86 0.90
CA PHE A 69 2.87 -11.69 -0.44
C PHE A 69 3.74 -10.77 -1.30
N ARG A 70 4.26 -11.35 -2.38
CA ARG A 70 5.09 -10.64 -3.38
C ARG A 70 6.21 -9.83 -2.74
N LEU A 71 6.90 -10.42 -1.76
CA LEU A 71 7.97 -9.68 -1.07
C LEU A 71 9.04 -9.19 -2.02
N GLU A 72 9.51 -10.03 -2.95
CA GLU A 72 10.60 -9.60 -3.84
C GLU A 72 10.17 -8.41 -4.69
N ASP A 73 8.91 -8.38 -5.12
CA ASP A 73 8.45 -7.26 -5.94
C ASP A 73 8.53 -5.96 -5.14
N HIS A 74 8.10 -6.00 -3.87
CA HIS A 74 8.26 -4.83 -2.98
C HIS A 74 9.72 -4.46 -2.77
N LEU A 75 10.57 -5.45 -2.54
CA LEU A 75 12.00 -5.13 -2.30
C LEU A 75 12.65 -4.56 -3.56
N ASN A 76 12.24 -5.04 -4.73
CA ASN A 76 12.81 -4.52 -5.98
C ASN A 76 12.31 -3.11 -6.23
N ARG A 77 11.03 -2.83 -5.92
CA ARG A 77 10.50 -1.48 -6.06
C ARG A 77 11.24 -0.53 -5.08
N LEU A 78 11.46 -0.98 -3.84
CA LEU A 78 12.20 -0.15 -2.86
C LEU A 78 13.62 0.13 -3.34
N GLU A 79 14.28 -0.88 -3.91
CA GLU A 79 15.64 -0.69 -4.40
CA GLU A 79 15.64 -0.74 -4.46
C GLU A 79 15.64 0.30 -5.57
N ALA A 80 14.65 0.22 -6.44
CA ALA A 80 14.55 1.15 -7.57
C ALA A 80 14.28 2.58 -7.08
N SER A 81 13.39 2.70 -6.09
CA SER A 81 13.12 4.00 -5.47
C SER A 81 14.40 4.57 -4.84
N CYS A 82 15.13 3.75 -4.08
CA CYS A 82 16.39 4.21 -3.48
C CYS A 82 17.32 4.73 -4.55
N LYS A 83 17.51 3.96 -5.62
CA LYS A 83 18.41 4.38 -6.70
CA LYS A 83 18.40 4.39 -6.70
C LYS A 83 17.98 5.74 -7.29
N LYS A 84 16.69 5.93 -7.53
CA LYS A 84 16.20 7.23 -8.07
C LYS A 84 16.53 8.40 -7.13
N MET A 85 16.56 8.11 -5.83
CA MET A 85 16.81 9.14 -4.80
C MET A 85 18.25 9.28 -4.41
N ARG A 86 19.13 8.47 -5.00
CA ARG A 86 20.55 8.38 -4.64
C ARG A 86 20.75 7.91 -3.20
N LEU A 87 19.80 7.07 -2.76
CA LEU A 87 19.92 6.34 -1.51
C LEU A 87 20.36 4.91 -1.81
N ARG A 88 20.80 4.21 -0.77
CA ARG A 88 21.14 2.79 -0.90
CA ARG A 88 21.13 2.78 -0.91
C ARG A 88 20.64 2.02 0.32
N MET A 89 20.10 0.82 0.10
CA MET A 89 19.67 -0.07 1.19
CA MET A 89 19.65 0.02 1.24
C MET A 89 20.86 -0.25 2.14
N PRO A 90 20.69 0.06 3.44
CA PRO A 90 21.80 -0.05 4.40
C PRO A 90 22.16 -1.50 4.79
N LEU A 91 21.32 -2.46 4.44
CA LEU A 91 21.58 -3.89 4.75
C LEU A 91 21.41 -4.67 3.47
N PRO A 92 22.17 -5.76 3.31
CA PRO A 92 21.99 -6.56 2.10
C PRO A 92 20.67 -7.35 2.18
N ARG A 93 20.15 -7.74 1.04
CA ARG A 93 18.79 -8.30 1.00
C ARG A 93 18.58 -9.51 1.91
N GLU A 94 19.57 -10.40 1.99
CA GLU A 94 19.43 -11.59 2.83
CA GLU A 94 19.44 -11.59 2.82
C GLU A 94 19.25 -11.23 4.29
N GLU A 95 19.93 -10.16 4.74
CA GLU A 95 19.79 -9.70 6.11
CA GLU A 95 19.77 -9.72 6.12
C GLU A 95 18.43 -9.02 6.30
N VAL A 96 18.00 -8.24 5.30
CA VAL A 96 16.65 -7.63 5.37
C VAL A 96 15.56 -8.69 5.53
N ILE A 97 15.58 -9.69 4.67
CA ILE A 97 14.54 -10.72 4.71
C ILE A 97 14.62 -11.54 6.01
N LYS A 98 15.83 -11.93 6.42
CA LYS A 98 16.00 -12.70 7.67
C LYS A 98 15.44 -11.90 8.85
N THR A 99 15.73 -10.59 8.89
CA THR A 99 15.25 -9.73 9.95
C THR A 99 13.73 -9.60 9.93
N LEU A 100 13.16 -9.36 8.74
CA LEU A 100 11.71 -9.19 8.64
C LEU A 100 10.99 -10.48 9.07
N VAL A 101 11.44 -11.63 8.58
CA VAL A 101 10.81 -12.92 8.96
C VAL A 101 10.94 -13.18 10.47
N ASP A 102 12.10 -12.88 11.06
CA ASP A 102 12.27 -12.98 12.51
C ASP A 102 11.30 -12.08 13.27
N MET A 103 11.15 -10.84 12.80
CA MET A 103 10.22 -9.90 13.46
C MET A 103 8.77 -10.41 13.41
N VAL A 104 8.37 -10.86 12.22
CA VAL A 104 7.02 -11.38 12.07
C VAL A 104 6.84 -12.62 12.97
N ALA A 105 7.75 -13.58 12.88
CA ALA A 105 7.65 -14.78 13.75
C ALA A 105 7.54 -14.41 15.23
N LYS A 106 8.40 -13.49 15.69
CA LYS A 106 8.41 -13.09 17.11
C LYS A 106 7.10 -12.47 17.53
N SER A 107 6.48 -11.73 16.61
CA SER A 107 5.24 -11.00 16.93
C SER A 107 4.04 -11.94 17.02
N GLY A 108 4.13 -13.07 16.32
CA GLY A 108 2.97 -13.95 16.12
C GLY A 108 1.88 -13.46 15.18
N ILE A 109 2.08 -12.29 14.56
CA ILE A 109 1.06 -11.70 13.69
C ILE A 109 1.01 -12.46 12.37
N ARG A 110 -0.16 -13.01 12.04
CA ARG A 110 -0.36 -13.76 10.79
C ARG A 110 -0.80 -12.91 9.62
N ASP A 111 -1.45 -11.77 9.91
CA ASP A 111 -1.93 -10.86 8.87
C ASP A 111 -1.31 -9.53 9.24
N ALA A 112 -0.28 -9.16 8.48
CA ALA A 112 0.59 -8.07 8.89
C ALA A 112 0.84 -7.08 7.78
N PHE A 113 1.01 -5.84 8.23
CA PHE A 113 1.55 -4.72 7.50
CA PHE A 113 1.66 -4.80 7.43
C PHE A 113 3.09 -4.75 7.80
N VAL A 114 3.94 -4.64 6.77
N VAL A 114 3.95 -4.71 6.79
CA VAL A 114 5.40 -4.77 6.95
CA VAL A 114 5.38 -4.69 7.00
C VAL A 114 6.20 -3.64 6.28
C VAL A 114 5.81 -3.41 6.34
N GLU A 115 6.49 -2.58 7.04
N GLU A 115 6.56 -2.56 7.03
CA GLU A 115 7.03 -1.38 6.43
CA GLU A 115 6.99 -1.30 6.43
C GLU A 115 8.55 -1.31 6.52
C GLU A 115 8.50 -1.12 6.57
N LEU A 116 9.15 -0.82 5.43
CA LEU A 116 10.59 -0.53 5.39
C LEU A 116 10.77 0.91 4.98
N ILE A 117 11.61 1.65 5.69
CA ILE A 117 11.88 3.07 5.38
C ILE A 117 13.38 3.26 5.22
N VAL A 118 13.80 3.87 4.11
CA VAL A 118 15.22 4.21 3.95
C VAL A 118 15.33 5.72 3.90
N THR A 119 16.08 6.29 4.84
CA THR A 119 16.18 7.76 4.88
C THR A 119 17.58 8.21 4.51
N ARG A 120 17.71 9.49 4.15
CA ARG A 120 19.06 10.05 3.86
C ARG A 120 20.05 9.88 5.01
N GLY A 121 19.54 9.81 6.24
CA GLY A 121 20.39 9.67 7.45
C GLY A 121 20.47 10.95 8.24
N LEU A 122 21.59 11.14 8.97
CA LEU A 122 21.71 12.30 9.84
C LEU A 122 22.29 13.56 9.23
N THR A 123 22.79 13.47 8.00
CA THR A 123 23.32 14.64 7.30
C THR A 123 22.36 15.05 6.19
N GLY A 124 21.94 16.31 6.26
CA GLY A 124 21.05 16.86 5.23
C GLY A 124 21.75 17.12 3.91
N VAL A 125 20.98 17.02 2.82
CA VAL A 125 21.49 17.29 1.48
C VAL A 125 21.96 18.74 1.35
N ARG A 126 21.19 19.68 1.90
CA ARG A 126 21.54 21.09 1.75
C ARG A 126 22.88 21.36 2.40
N GLY A 127 23.84 21.82 1.61
CA GLY A 127 25.15 22.19 2.12
C GLY A 127 26.16 21.04 2.19
N ALA A 128 25.76 19.84 1.76
CA ALA A 128 26.65 18.67 1.75
C ALA A 128 27.21 18.37 0.37
N LYS A 129 28.36 17.71 0.37
CA LYS A 129 28.89 17.08 -0.84
CA LYS A 129 28.92 17.06 -0.81
C LYS A 129 28.25 15.68 -0.99
N PRO A 130 28.14 15.19 -2.24
CA PRO A 130 27.45 13.89 -2.40
C PRO A 130 28.04 12.76 -1.57
N GLU A 131 29.36 12.73 -1.42
CA GLU A 131 30.02 11.68 -0.65
C GLU A 131 29.78 11.76 0.87
N GLU A 132 29.20 12.87 1.34
CA GLU A 132 28.81 13.02 2.73
C GLU A 132 27.40 12.49 3.01
N LEU A 133 26.73 11.98 1.98
CA LEU A 133 25.29 11.64 2.07
C LEU A 133 25.05 10.15 1.88
N LEU A 134 26.07 9.34 2.18
CA LEU A 134 25.98 7.90 1.87
C LEU A 134 25.62 7.07 3.09
N ASN A 135 25.58 7.67 4.29
CA ASN A 135 25.30 6.92 5.49
C ASN A 135 23.80 6.98 5.74
N ASN A 136 23.09 6.19 4.95
CA ASN A 136 21.62 6.23 4.98
C ASN A 136 21.08 5.36 6.10
N ASN A 137 19.90 5.69 6.63
CA ASN A 137 19.33 4.93 7.76
C ASN A 137 18.16 4.04 7.32
N LEU A 138 18.04 2.89 7.95
CA LEU A 138 16.93 1.95 7.70
C LEU A 138 16.06 1.82 8.96
N TYR A 139 14.73 1.92 8.80
CA TYR A 139 13.80 1.57 9.87
C TYR A 139 12.84 0.54 9.30
N MET A 140 12.51 -0.48 10.09
CA MET A 140 11.54 -1.47 9.63
C MET A 140 10.57 -1.73 10.78
N PHE A 141 9.32 -2.02 10.45
CA PHE A 141 8.36 -2.37 11.51
C PHE A 141 7.24 -3.20 10.97
N ILE A 142 6.67 -4.03 11.85
CA ILE A 142 5.46 -4.71 11.46
CA ILE A 142 5.51 -4.89 11.56
C ILE A 142 4.35 -4.36 12.42
N GLN A 143 3.14 -4.38 11.88
CA GLN A 143 1.98 -4.10 12.72
C GLN A 143 0.84 -4.94 12.17
N PRO A 144 -0.22 -5.12 12.96
CA PRO A 144 -1.37 -5.82 12.41
C PRO A 144 -1.91 -5.17 11.13
N TYR A 145 -2.36 -6.01 10.20
CA TYR A 145 -2.88 -5.60 8.90
C TYR A 145 -3.91 -4.47 9.09
N VAL A 146 -3.76 -3.46 8.24
CA VAL A 146 -4.57 -2.26 8.25
C VAL A 146 -5.51 -2.24 7.05
N TRP A 147 -6.78 -1.90 7.28
CA TRP A 147 -7.80 -1.81 6.22
C TRP A 147 -8.12 -0.38 5.81
N VAL A 148 -7.82 -0.04 4.56
CA VAL A 148 -8.28 1.24 4.02
C VAL A 148 -9.81 1.22 3.78
N MET A 149 -10.35 0.01 3.55
CA MET A 149 -11.78 -0.26 3.54
C MET A 149 -11.99 -1.53 4.38
N ASP A 150 -12.82 -1.41 5.43
CA ASP A 150 -13.08 -2.56 6.30
C ASP A 150 -13.74 -3.70 5.55
N PRO A 151 -13.50 -4.94 6.00
CA PRO A 151 -14.09 -6.09 5.30
C PRO A 151 -15.61 -5.98 5.05
N ASP A 152 -16.40 -5.58 6.06
CA ASP A 152 -17.85 -5.48 5.88
CA ASP A 152 -17.85 -5.47 5.88
C ASP A 152 -18.24 -4.50 4.77
N VAL A 153 -17.50 -3.39 4.67
CA VAL A 153 -17.77 -2.40 3.63
C VAL A 153 -17.43 -2.93 2.23
N GLN A 154 -16.47 -3.85 2.14
CA GLN A 154 -16.11 -4.37 0.82
C GLN A 154 -17.25 -5.10 0.11
N TYR A 155 -18.22 -5.59 0.91
CA TYR A 155 -19.41 -6.23 0.33
C TYR A 155 -20.30 -5.25 -0.44
N THR A 156 -20.34 -4.00 0.00
CA THR A 156 -21.28 -3.04 -0.60
C THR A 156 -20.62 -1.83 -1.29
N GLY A 157 -19.33 -1.64 -1.03
CA GLY A 157 -18.60 -0.57 -1.72
C GLY A 157 -18.59 0.71 -0.90
N GLY A 158 -17.63 1.57 -1.23
CA GLY A 158 -17.47 2.85 -0.53
C GLY A 158 -17.85 4.08 -1.32
N ARG A 159 -17.71 5.22 -0.63
CA ARG A 159 -18.04 6.54 -1.20
CA ARG A 159 -18.05 6.53 -1.20
C ARG A 159 -16.79 7.32 -1.53
N ALA A 160 -16.67 7.70 -2.81
CA ALA A 160 -15.55 8.52 -3.29
C ALA A 160 -16.00 9.87 -3.81
N ILE A 161 -15.06 10.79 -3.86
CA ILE A 161 -15.24 12.04 -4.60
C ILE A 161 -14.05 12.26 -5.53
N VAL A 162 -14.29 12.93 -6.65
CA VAL A 162 -13.19 13.50 -7.39
C VAL A 162 -12.82 14.83 -6.72
N ALA A 163 -11.59 14.89 -6.19
CA ALA A 163 -11.18 16.11 -5.46
C ALA A 163 -11.19 17.31 -6.37
N ARG A 164 -11.76 18.40 -5.87
CA ARG A 164 -11.77 19.66 -6.63
C ARG A 164 -10.92 20.77 -6.01
N THR A 165 -10.44 20.58 -4.77
CA THR A 165 -9.70 21.65 -4.09
C THR A 165 -8.17 21.40 -4.06
N VAL A 166 -7.75 20.28 -4.64
CA VAL A 166 -6.36 19.84 -4.61
C VAL A 166 -6.16 18.96 -5.82
N ARG A 167 -4.93 18.92 -6.31
CA ARG A 167 -4.54 18.00 -7.38
C ARG A 167 -3.23 17.31 -7.01
N ARG A 168 -2.93 16.20 -7.68
CA ARG A 168 -1.78 15.38 -7.32
C ARG A 168 -0.48 16.15 -7.59
N VAL A 169 0.50 15.99 -6.70
CA VAL A 169 1.81 16.57 -6.97
C VAL A 169 2.32 16.01 -8.30
N PRO A 170 2.74 16.90 -9.23
CA PRO A 170 3.14 16.42 -10.57
C PRO A 170 4.49 15.71 -10.54
N PRO A 171 4.73 14.80 -11.50
CA PRO A 171 5.97 14.04 -11.47
C PRO A 171 7.22 14.89 -11.61
N GLY A 172 7.11 16.07 -12.25
CA GLY A 172 8.23 16.99 -12.40
C GLY A 172 8.59 17.75 -11.13
N SER A 173 7.79 17.53 -10.08
CA SER A 173 8.13 18.00 -8.71
C SER A 173 8.61 16.83 -7.87
N ILE A 174 7.77 15.78 -7.79
CA ILE A 174 8.14 14.56 -7.04
C ILE A 174 7.64 13.39 -7.86
N ASP A 175 8.53 12.45 -8.17
CA ASP A 175 8.21 11.32 -9.01
C ASP A 175 7.29 10.37 -8.23
N PRO A 176 6.01 10.20 -8.62
CA PRO A 176 5.09 9.40 -7.80
C PRO A 176 5.38 7.92 -7.91
N THR A 177 6.30 7.51 -8.80
CA THR A 177 6.70 6.11 -8.82
C THR A 177 7.68 5.81 -7.69
N ILE A 178 8.22 6.87 -7.07
CA ILE A 178 9.05 6.71 -5.87
C ILE A 178 8.11 6.74 -4.68
N LYS A 179 7.84 5.60 -4.05
CA LYS A 179 6.89 5.60 -2.94
CA LYS A 179 6.89 5.61 -2.94
C LYS A 179 7.42 6.53 -1.85
N ASN A 180 6.59 7.46 -1.39
CA ASN A 180 7.09 8.46 -0.47
C ASN A 180 6.05 8.92 0.55
N LEU A 181 6.53 9.58 1.59
CA LEU A 181 5.67 9.97 2.71
C LEU A 181 5.34 11.45 2.72
N GLN A 182 5.57 12.09 1.56
CA GLN A 182 5.23 13.52 1.40
C GLN A 182 3.80 13.64 0.95
N TRP A 183 2.91 13.52 1.93
CA TRP A 183 1.50 13.34 1.64
C TRP A 183 0.68 14.61 1.68
N GLY A 184 1.29 15.77 1.49
CA GLY A 184 0.52 17.03 1.67
C GLY A 184 -0.76 17.10 0.86
N ASP A 185 -0.65 16.70 -0.40
CA ASP A 185 -1.82 16.72 -1.29
C ASP A 185 -2.83 15.64 -0.94
N LEU A 186 -2.35 14.46 -0.58
CA LEU A 186 -3.24 13.33 -0.25
C LEU A 186 -3.99 13.63 1.05
N VAL A 187 -3.31 14.26 2.02
CA VAL A 187 -4.00 14.70 3.26
C VAL A 187 -5.06 15.76 2.95
N ARG A 188 -4.75 16.73 2.07
CA ARG A 188 -5.79 17.68 1.63
C ARG A 188 -6.99 16.95 1.02
N GLY A 189 -6.72 15.92 0.21
CA GLY A 189 -7.76 15.13 -0.40
C GLY A 189 -8.64 14.46 0.65
N LEU A 190 -8.00 13.90 1.67
CA LEU A 190 -8.73 13.22 2.75
C LEU A 190 -9.66 14.18 3.48
N PHE A 191 -9.15 15.35 3.84
CA PHE A 191 -10.03 16.36 4.45
C PHE A 191 -11.18 16.81 3.53
N GLU A 192 -10.88 17.02 2.26
CA GLU A 192 -11.93 17.38 1.28
C GLU A 192 -12.99 16.27 1.22
N ALA A 193 -12.56 15.01 1.13
CA ALA A 193 -13.54 13.90 1.10
C ALA A 193 -14.44 13.96 2.33
N ASN A 194 -13.84 14.14 3.52
CA ASN A 194 -14.64 14.17 4.74
C ASN A 194 -15.59 15.36 4.74
N ASP A 195 -15.10 16.52 4.29
CA ASP A 195 -15.93 17.73 4.21
C ASP A 195 -17.14 17.51 3.30
N ARG A 196 -16.95 16.66 2.28
CA ARG A 196 -17.99 16.43 1.27
C ARG A 196 -18.78 15.16 1.52
N GLY A 197 -18.63 14.60 2.71
CA GLY A 197 -19.43 13.44 3.08
C GLY A 197 -19.05 12.14 2.39
N ALA A 198 -17.76 12.00 2.10
CA ALA A 198 -17.24 10.79 1.45
C ALA A 198 -15.99 10.34 2.19
N THR A 199 -15.42 9.22 1.77
CA THR A 199 -14.26 8.64 2.48
C THR A 199 -13.00 8.67 1.60
N TYR A 200 -13.16 8.51 0.30
CA TYR A 200 -12.01 8.29 -0.60
C TYR A 200 -11.89 9.40 -1.64
N PRO A 201 -10.77 10.13 -1.62
CA PRO A 201 -10.54 11.15 -2.62
C PRO A 201 -9.80 10.58 -3.84
N PHE A 202 -10.31 10.87 -5.04
CA PHE A 202 -9.57 10.59 -6.28
C PHE A 202 -8.98 11.92 -6.73
N LEU A 203 -7.67 12.02 -6.89
CA LEU A 203 -7.06 13.26 -7.31
C LEU A 203 -6.82 13.26 -8.81
N THR A 204 -7.02 14.43 -9.42
CA THR A 204 -6.66 14.59 -10.84
C THR A 204 -5.22 15.07 -10.94
N ASP A 205 -4.69 15.11 -12.16
CA ASP A 205 -3.36 15.65 -12.44
C ASP A 205 -3.37 17.16 -12.71
N GLY A 206 -4.49 17.82 -12.53
CA GLY A 206 -4.61 19.25 -12.82
C GLY A 206 -4.69 19.51 -14.33
N ASP A 207 -4.82 18.44 -15.10
CA ASP A 207 -4.94 18.53 -16.56
C ASP A 207 -6.11 17.65 -17.02
N ALA A 208 -7.06 17.43 -16.11
CA ALA A 208 -8.33 16.73 -16.39
C ALA A 208 -8.21 15.20 -16.58
N ASN A 209 -7.15 14.61 -16.02
CA ASN A 209 -7.00 13.12 -15.95
C ASN A 209 -7.00 12.59 -14.54
N LEU A 210 -7.51 11.38 -14.39
CA LEU A 210 -7.46 10.66 -13.13
C LEU A 210 -6.02 10.23 -12.79
N THR A 211 -5.66 10.32 -11.49
CA THR A 211 -4.38 9.76 -11.03
C THR A 211 -4.64 8.65 -10.01
N GLU A 212 -4.41 8.94 -8.73
CA GLU A 212 -4.58 7.96 -7.66
C GLU A 212 -5.19 8.68 -6.47
N GLY A 213 -5.31 7.97 -5.36
CA GLY A 213 -5.85 8.57 -4.15
C GLY A 213 -4.91 8.41 -2.98
N SER A 214 -5.46 8.70 -1.79
CA SER A 214 -4.72 8.69 -0.54
CA SER A 214 -4.68 8.69 -0.57
C SER A 214 -4.44 7.28 -0.02
N GLY A 215 -3.48 6.58 -0.66
CA GLY A 215 -3.09 5.22 -0.24
C GLY A 215 -3.62 4.12 -1.15
N PHE A 216 -3.95 4.46 -2.41
CA PHE A 216 -4.48 3.45 -3.32
C PHE A 216 -4.39 3.90 -4.78
N ASN A 217 -4.29 2.90 -5.67
CA ASN A 217 -4.54 3.16 -7.10
C ASN A 217 -6.04 3.00 -7.43
N VAL A 218 -6.43 3.52 -8.59
CA VAL A 218 -7.85 3.47 -9.01
C VAL A 218 -7.96 2.73 -10.35
N VAL A 219 -8.93 1.81 -10.44
CA VAL A 219 -9.21 1.09 -11.69
C VAL A 219 -10.66 1.28 -12.06
N LEU A 220 -10.89 1.65 -13.32
CA LEU A 220 -12.27 1.77 -13.83
C LEU A 220 -12.56 0.56 -14.70
N ILE A 221 -13.83 0.15 -14.70
CA ILE A 221 -14.25 -0.96 -15.54
C ILE A 221 -15.35 -0.43 -16.44
N LYS A 222 -15.17 -0.59 -17.76
CA LYS A 222 -16.15 -0.01 -18.71
C LYS A 222 -16.32 -0.96 -19.89
N ASP A 223 -17.56 -1.43 -20.07
CA ASP A 223 -17.90 -2.31 -21.21
C ASP A 223 -16.95 -3.49 -21.30
N GLY A 224 -16.71 -4.12 -20.15
CA GLY A 224 -15.92 -5.33 -20.03
C GLY A 224 -14.41 -5.17 -20.05
N VAL A 225 -13.92 -3.93 -20.08
CA VAL A 225 -12.49 -3.64 -20.17
C VAL A 225 -12.07 -2.81 -18.94
N LEU A 226 -10.88 -3.12 -18.42
CA LEU A 226 -10.36 -2.41 -17.22
C LEU A 226 -9.39 -1.33 -17.65
N TYR A 227 -9.36 -0.21 -16.89
CA TYR A 227 -8.58 0.98 -17.23
C TYR A 227 -7.94 1.52 -15.97
N THR A 228 -6.65 1.84 -16.06
CA THR A 228 -5.98 2.44 -14.88
C THR A 228 -4.91 3.42 -15.35
N PRO A 229 -4.81 4.59 -14.69
CA PRO A 229 -3.83 5.58 -15.12
C PRO A 229 -2.39 5.07 -15.22
N ASP A 230 -1.69 5.49 -16.27
CA ASP A 230 -0.27 5.10 -16.42
C ASP A 230 0.64 6.07 -15.68
N ARG A 231 0.44 7.36 -15.88
CA ARG A 231 1.31 8.37 -15.35
CA ARG A 231 1.32 8.39 -15.36
C ARG A 231 0.73 9.03 -14.11
N GLY A 232 1.61 9.62 -13.30
CA GLY A 232 1.15 10.43 -12.18
C GLY A 232 0.87 9.64 -10.90
N VAL A 233 1.22 8.36 -10.92
CA VAL A 233 0.79 7.43 -9.87
C VAL A 233 1.89 6.46 -9.47
N LEU A 234 1.74 5.91 -8.26
CA LEU A 234 2.59 4.79 -7.86
C LEU A 234 2.26 3.58 -8.72
N GLN A 235 3.28 2.85 -9.16
CA GLN A 235 3.02 1.57 -9.88
C GLN A 235 2.79 0.50 -8.80
N GLY A 236 1.56 0.45 -8.29
CA GLY A 236 1.22 -0.38 -7.12
C GLY A 236 1.48 -1.88 -7.35
N ILE A 237 1.88 -2.57 -6.28
CA ILE A 237 2.00 -4.03 -6.37
C ILE A 237 0.62 -4.66 -6.42
N THR A 238 -0.36 -4.01 -5.80
CA THR A 238 -1.73 -4.52 -5.90
C THR A 238 -2.23 -4.31 -7.32
N ARG A 239 -1.93 -3.13 -7.86
CA ARG A 239 -2.26 -2.83 -9.25
C ARG A 239 -1.60 -3.87 -10.20
N LYS A 240 -0.32 -4.19 -9.95
CA LYS A 240 0.35 -5.23 -10.72
CA LYS A 240 0.39 -5.24 -10.69
C LYS A 240 -0.40 -6.55 -10.62
N SER A 241 -0.89 -6.87 -9.42
CA SER A 241 -1.64 -8.08 -9.16
C SER A 241 -3.01 -8.04 -9.84
N VAL A 242 -3.61 -6.85 -9.94
CA VAL A 242 -4.86 -6.70 -10.67
C VAL A 242 -4.65 -6.93 -12.15
N ILE A 243 -3.55 -6.41 -12.70
CA ILE A 243 -3.15 -6.68 -14.09
C ILE A 243 -2.95 -8.19 -14.29
N ASP A 244 -2.25 -8.85 -13.36
CA ASP A 244 -2.08 -10.33 -13.43
C ASP A 244 -3.43 -11.05 -13.40
N ALA A 245 -4.27 -10.64 -12.45
CA ALA A 245 -5.60 -11.22 -12.25
C ALA A 245 -6.52 -11.04 -13.45
N ALA A 246 -6.46 -9.87 -14.09
CA ALA A 246 -7.28 -9.56 -15.25
C ALA A 246 -6.91 -10.50 -16.41
N ARG A 247 -5.61 -10.64 -16.64
CA ARG A 247 -5.10 -11.53 -17.69
CA ARG A 247 -5.12 -11.53 -17.69
C ARG A 247 -5.50 -12.97 -17.42
N SER A 248 -5.41 -13.39 -16.16
CA SER A 248 -5.75 -14.78 -15.79
C SER A 248 -7.25 -15.10 -15.84
N CYS A 249 -8.07 -14.13 -15.39
CA CYS A 249 -9.54 -14.24 -15.42
C CYS A 249 -10.01 -13.98 -16.87
N GLY A 250 -9.07 -13.61 -17.72
CA GLY A 250 -9.30 -13.35 -19.15
C GLY A 250 -9.89 -12.03 -19.65
N TYR A 251 -9.70 -10.95 -18.89
CA TYR A 251 -10.13 -9.61 -19.29
C TYR A 251 -8.97 -8.76 -19.84
N GLU A 252 -9.30 -7.81 -20.70
CA GLU A 252 -8.33 -6.80 -21.12
C GLU A 252 -8.20 -5.73 -20.02
N ILE A 253 -6.97 -5.33 -19.74
CA ILE A 253 -6.70 -4.15 -18.88
C ILE A 253 -5.76 -3.18 -19.61
N ARG A 254 -6.12 -1.90 -19.61
CA ARG A 254 -5.37 -0.87 -20.32
C ARG A 254 -4.77 0.10 -19.31
N VAL A 255 -3.46 0.21 -19.33
CA VAL A 255 -2.71 1.10 -18.43
C VAL A 255 -2.30 2.28 -19.31
N GLU A 256 -3.07 3.36 -19.19
CA GLU A 256 -3.00 4.48 -20.09
C GLU A 256 -3.63 5.72 -19.45
N HIS A 257 -3.57 6.87 -20.13
CA HIS A 257 -4.26 8.05 -19.60
C HIS A 257 -5.77 7.79 -19.47
N VAL A 258 -6.35 8.21 -18.35
CA VAL A 258 -7.76 8.03 -18.07
C VAL A 258 -8.34 9.42 -17.83
N PRO A 259 -9.04 10.00 -18.82
CA PRO A 259 -9.64 11.32 -18.63
C PRO A 259 -10.61 11.24 -17.48
N ILE A 260 -10.73 12.32 -16.71
CA ILE A 260 -11.55 12.23 -15.49
C ILE A 260 -13.04 11.95 -15.77
N GLU A 261 -13.50 12.36 -16.95
CA GLU A 261 -14.88 12.09 -17.37
C GLU A 261 -15.20 10.60 -17.31
N ALA A 262 -14.17 9.77 -17.58
CA ALA A 262 -14.37 8.31 -17.57
C ALA A 262 -14.86 7.78 -16.24
N THR A 263 -14.50 8.46 -15.16
CA THR A 263 -14.94 8.07 -13.84
CA THR A 263 -14.96 8.01 -13.85
C THR A 263 -16.47 8.12 -13.74
N TYR A 264 -17.02 9.15 -14.37
CA TYR A 264 -18.47 9.37 -14.35
C TYR A 264 -19.24 8.46 -15.30
N GLN A 265 -18.53 7.78 -16.21
CA GLN A 265 -19.14 6.87 -17.20
CA GLN A 265 -19.22 6.87 -17.13
C GLN A 265 -18.91 5.40 -16.85
N ALA A 266 -18.12 5.13 -15.81
CA ALA A 266 -17.67 3.76 -15.49
C ALA A 266 -18.83 2.82 -15.15
N ASP A 267 -18.70 1.57 -15.57
CA ASP A 267 -19.62 0.53 -15.10
C ASP A 267 -19.33 0.06 -13.68
N GLU A 268 -18.03 -0.06 -13.35
CA GLU A 268 -17.62 -0.41 -11.99
C GLU A 268 -16.36 0.42 -11.70
N ILE A 269 -16.11 0.64 -10.41
CA ILE A 269 -14.90 1.32 -9.97
C ILE A 269 -14.35 0.55 -8.80
N LEU A 270 -13.03 0.36 -8.79
CA LEU A 270 -12.42 -0.21 -7.59
C LEU A 270 -11.11 0.53 -7.25
N MET A 271 -10.76 0.50 -5.97
CA MET A 271 -9.46 0.96 -5.48
C MET A 271 -8.61 -0.25 -5.13
N CYS A 272 -7.29 -0.11 -5.24
CA CYS A 272 -6.43 -1.24 -4.91
C CYS A 272 -5.18 -0.79 -4.14
N THR A 273 -4.83 -1.54 -3.12
CA THR A 273 -3.72 -1.21 -2.26
C THR A 273 -3.34 -2.41 -1.40
N THR A 274 -2.10 -2.43 -0.90
CA THR A 274 -1.73 -3.50 0.01
C THR A 274 -2.51 -3.40 1.31
N ALA A 275 -2.82 -2.17 1.72
CA ALA A 275 -3.56 -1.93 2.94
C ALA A 275 -5.07 -2.11 2.76
N GLY A 276 -5.49 -3.33 2.38
CA GLY A 276 -6.94 -3.59 2.24
C GLY A 276 -7.29 -4.44 1.05
N GLY A 277 -6.44 -4.45 0.03
CA GLY A 277 -6.65 -5.29 -1.16
C GLY A 277 -7.49 -4.60 -2.22
N ILE A 278 -8.62 -5.22 -2.56
CA ILE A 278 -9.48 -4.77 -3.65
C ILE A 278 -10.77 -4.15 -3.07
N MET A 279 -10.95 -2.85 -3.27
CA MET A 279 -11.92 -2.05 -2.49
C MET A 279 -12.91 -1.37 -3.42
N PRO A 280 -14.12 -1.95 -3.57
CA PRO A 280 -15.05 -1.39 -4.53
C PRO A 280 -15.56 -0.01 -4.12
N ILE A 281 -15.78 0.82 -5.13
CA ILE A 281 -16.41 2.15 -4.97
C ILE A 281 -17.76 2.10 -5.68
N THR A 282 -18.83 2.40 -4.93
CA THR A 282 -20.18 2.28 -5.48
C THR A 282 -20.98 3.61 -5.45
N THR A 283 -20.38 4.65 -4.86
CA THR A 283 -20.95 5.99 -4.89
C THR A 283 -19.82 6.93 -5.26
N LEU A 284 -20.06 7.82 -6.23
CA LEU A 284 -19.08 8.80 -6.68
C LEU A 284 -19.73 10.18 -6.72
N ASP A 285 -19.16 11.15 -6.02
CA ASP A 285 -19.75 12.48 -5.98
C ASP A 285 -21.27 12.42 -5.63
N ASP A 286 -21.58 11.59 -4.63
CA ASP A 286 -22.95 11.47 -4.10
CA ASP A 286 -22.94 11.44 -4.07
C ASP A 286 -23.95 10.77 -5.01
N LYS A 287 -23.49 10.20 -6.12
CA LYS A 287 -24.35 9.48 -7.07
CA LYS A 287 -24.36 9.49 -7.05
C LYS A 287 -23.91 8.04 -7.15
N PRO A 288 -24.86 7.09 -7.31
CA PRO A 288 -24.43 5.70 -7.47
C PRO A 288 -23.59 5.45 -8.74
N VAL A 289 -22.65 4.49 -8.65
CA VAL A 289 -21.90 4.05 -9.80
C VAL A 289 -22.77 2.96 -10.44
N LYS A 290 -23.33 3.25 -11.61
CA LYS A 290 -24.33 2.35 -12.24
CA LYS A 290 -24.35 2.40 -12.24
C LYS A 290 -25.48 2.05 -11.26
N ASP A 291 -25.64 0.79 -10.89
CA ASP A 291 -26.71 0.40 -9.95
C ASP A 291 -26.34 0.58 -8.47
N GLY A 292 -25.13 1.10 -8.21
CA GLY A 292 -24.69 1.27 -6.83
C GLY A 292 -24.35 -0.01 -6.10
N LYS A 293 -24.18 -1.12 -6.84
CA LYS A 293 -23.77 -2.39 -6.24
C LYS A 293 -22.38 -2.80 -6.76
N VAL A 294 -21.72 -3.65 -6.00
CA VAL A 294 -20.39 -4.15 -6.38
C VAL A 294 -20.55 -4.97 -7.66
N GLY A 295 -19.74 -4.68 -8.66
CA GLY A 295 -19.86 -5.24 -9.98
C GLY A 295 -19.25 -6.62 -10.13
N PRO A 296 -19.61 -7.30 -11.22
CA PRO A 296 -19.21 -8.68 -11.47
C PRO A 296 -17.71 -8.83 -11.77
N ILE A 297 -17.17 -7.91 -12.56
CA ILE A 297 -15.74 -7.95 -12.88
C ILE A 297 -14.93 -7.61 -11.63
N THR A 298 -15.35 -6.59 -10.89
CA THR A 298 -14.74 -6.34 -9.56
C THR A 298 -14.65 -7.61 -8.69
N LYS A 299 -15.75 -8.36 -8.60
CA LYS A 299 -15.75 -9.60 -7.82
C LYS A 299 -14.79 -10.68 -8.37
N ALA A 300 -14.69 -10.78 -9.69
CA ALA A 300 -13.76 -11.74 -10.30
C ALA A 300 -12.33 -11.38 -9.91
N ILE A 301 -12.01 -10.08 -9.99
CA ILE A 301 -10.66 -9.59 -9.62
C ILE A 301 -10.37 -9.81 -8.15
N TRP A 302 -11.38 -9.50 -7.31
CA TRP A 302 -11.30 -9.65 -5.89
C TRP A 302 -10.90 -11.09 -5.55
N ASP A 303 -11.64 -12.05 -6.12
CA ASP A 303 -11.39 -13.43 -5.82
C ASP A 303 -9.99 -13.91 -6.26
N ARG A 304 -9.60 -13.51 -7.45
CA ARG A 304 -8.30 -13.92 -8.01
C ARG A 304 -7.14 -13.31 -7.20
N TYR A 305 -7.25 -12.02 -6.89
CA TYR A 305 -6.25 -11.36 -6.06
C TYR A 305 -6.01 -12.13 -4.78
N TRP A 306 -7.08 -12.48 -4.06
CA TRP A 306 -6.92 -13.21 -2.82
C TRP A 306 -6.39 -14.62 -3.07
N ALA A 307 -6.87 -15.30 -4.11
CA ALA A 307 -6.37 -16.65 -4.43
C ALA A 307 -4.84 -16.67 -4.58
N MET A 308 -4.30 -15.63 -5.19
CA MET A 308 -2.84 -15.48 -5.35
C MET A 308 -2.03 -15.56 -4.06
N HIS A 309 -2.65 -15.24 -2.91
CA HIS A 309 -1.96 -15.23 -1.62
C HIS A 309 -1.55 -16.60 -1.10
N TRP A 310 -2.12 -17.64 -1.71
CA TRP A 310 -1.77 -19.01 -1.37
C TRP A 310 -1.05 -19.73 -2.50
N GLU A 311 -0.66 -19.02 -3.54
CA GLU A 311 0.10 -19.62 -4.64
C GLU A 311 1.60 -19.36 -4.53
N ASP A 312 2.40 -20.39 -4.77
CA ASP A 312 3.89 -20.30 -4.72
C ASP A 312 4.52 -19.21 -5.51
N GLU A 313 3.95 -18.97 -6.69
CA GLU A 313 4.47 -17.96 -7.58
C GLU A 313 4.48 -16.58 -6.88
N PHE A 314 3.49 -16.34 -6.03
CA PHE A 314 3.29 -14.99 -5.46
C PHE A 314 3.50 -14.85 -3.98
N SER A 315 3.79 -15.95 -3.29
CA SER A 315 3.88 -15.94 -1.85
C SER A 315 4.77 -17.04 -1.29
N PHE A 316 5.24 -16.83 -0.06
CA PHE A 316 5.94 -17.88 0.67
C PHE A 316 5.52 -17.92 2.13
N LYS A 317 5.58 -19.12 2.69
CA LYS A 317 5.18 -19.36 4.05
C LYS A 317 6.26 -19.06 5.07
N ILE A 318 5.89 -18.29 6.09
CA ILE A 318 6.76 -18.03 7.24
C ILE A 318 6.63 -19.13 8.31
N ASN A 319 7.76 -19.56 8.85
CA ASN A 319 7.74 -20.51 9.96
C ASN A 319 7.70 -19.73 11.26
N TYR A 320 6.58 -19.82 11.98
CA TYR A 320 6.45 -19.09 13.24
C TYR A 320 7.13 -19.76 14.43
N LEU A 321 7.61 -21.00 14.25
CA LEU A 321 8.42 -21.66 15.27
C LEU A 321 7.70 -21.60 16.62
N GLU A 322 6.39 -21.89 16.60
CA GLU A 322 5.53 -21.78 17.79
C GLU A 322 5.26 -23.14 18.43
N1 PXG B . -0.70 4.95 -4.38
C2 PXG B . -0.35 5.55 -3.22
C2A PXG B . -0.14 7.05 -3.19
C3 PXG B . -0.16 4.73 -2.00
O3 PXG B . 0.18 5.27 -0.80
C5 PXG B . -0.78 2.75 -3.41
C6 PXG B . -0.92 3.61 -4.50
C5A PXG B . -1.01 1.26 -3.55
OP4 PXG B . 0.30 0.67 -3.71
P PXG B . 0.54 -0.90 -3.38
OP1 PXG B . 0.38 -1.13 -1.89
OP2 PXG B . 1.94 -1.16 -3.88
OP3 PXG B . -0.53 -1.62 -4.19
C4 PXG B . -0.40 3.29 -2.11
C4A PXG B . -0.31 2.31 -0.96
C7 PXG B . 0.67 2.65 4.93
C7 PXG B . 0.72 2.51 5.00
C8 PXG B . 0.57 1.87 3.65
O2 PXG B . -0.37 2.85 5.60
O2 PXG B . 0.80 1.76 6.02
C9 PXG B . 0.65 2.59 2.47
C10 PXG B . 0.52 1.92 1.26
C11 PXG B . 0.33 0.54 1.25
C12 PXG B . 0.25 -0.20 2.41
C13 PXG B . 0.37 0.48 3.63
O8 PXG B . 1.79 3.11 5.26
O8 PXG B . 0.77 3.77 5.11
N9 PXG B . 0.63 2.63 0.09
C TRS C . 0.42 -21.87 11.16
C1 TRS C . 0.78 -22.85 10.06
C2 TRS C . -0.18 -20.62 10.55
C3 TRS C . -0.60 -22.51 12.10
N TRS C . 1.62 -21.55 11.99
O1 TRS C . 1.96 -23.59 10.38
O2 TRS C . 0.78 -19.61 10.20
O3 TRS C . -1.21 -21.54 12.97
S SO4 D . 1.35 13.60 -19.25
O1 SO4 D . 0.44 14.65 -19.72
O2 SO4 D . 1.48 12.57 -20.30
O3 SO4 D . 0.79 12.92 -18.06
O4 SO4 D . 2.67 14.13 -18.91
#